data_5IAI
#
_entry.id   5IAI
#
_cell.length_a   166.272
_cell.length_b   56.342
_cell.length_c   52.095
_cell.angle_alpha   90.000
_cell.angle_beta   93.890
_cell.angle_gamma   90.000
#
_symmetry.space_group_name_H-M   'C 1 2 1'
#
loop_
_entity.id
_entity.type
_entity.pdbx_description
1 polymer 'Sugar ABC transporter'
2 non-polymer D-ribitol
3 non-polymer GLYCEROL
4 water water
#
_entity_poly.entity_id   1
_entity_poly.type   'polypeptide(L)'
_entity_poly.pdbx_seq_one_letter_code
;(MSE)HHHHHHSSGVDLGTENLYFQS(MSE)KPLDGVTLTLASQNDPFGAVLTKLAAEFKQDTGADLKVEV(MSE)DYGT
LLTKTTADFVGKTKGYDLVT(MSE)DIVWAGAYQANGYSVDLTDWVKRDAAELDLDDIYPVILQSLGQYKGHYVAFPFAA
YANVLAYRKDLFQAAGLPVPTTVEELVSDAKKLTDPSKKQYGFVANGQKGPAVAQDW(MSE)QYNNQ(MSE)GGSILDND
GKPALNSPENVKSLTVYKQLFVETAPPGAIEYDWGGREESFRQGAAA(MSE)(MSE)QTWSVGAPGYSDPASSNVVGKVG
ITTAPVGKGVPPQYGVGGWG(MSE)AINADIDPKQKEAAWTFIKWLVSKKIHKEFN(MSE)DGAGSF(MSE)RKSQ
(MSE)TDPDLTAKFDFLPVVAKTYENGNGEYRPRIPEYPEIQDILGSAVNSVLAGAAEPQAALDEAQVEAKKLF
;
_entity_poly.pdbx_strand_id   A
#
loop_
_chem_comp.id
_chem_comp.type
_chem_comp.name
_chem_comp.formula
GOL non-polymer GLYCEROL 'C3 H8 O3'
RB0 non-polymer D-ribitol 'C5 H12 O5'
#
# COMPACT_ATOMS: atom_id res chain seq x y z
N LYS A 24 -28.26 -8.22 -21.36
CA LYS A 24 -26.89 -8.41 -20.93
C LYS A 24 -26.81 -9.41 -19.77
N PRO A 25 -25.68 -10.14 -19.64
CA PRO A 25 -25.66 -11.30 -18.73
C PRO A 25 -25.98 -10.99 -17.27
N LEU A 26 -25.54 -9.85 -16.75
CA LEU A 26 -25.71 -9.58 -15.33
C LEU A 26 -26.85 -8.60 -15.05
N ASP A 27 -27.78 -8.47 -15.98
CA ASP A 27 -28.99 -7.71 -15.72
C ASP A 27 -29.63 -8.18 -14.42
N GLY A 28 -30.09 -7.21 -13.63
CA GLY A 28 -30.72 -7.51 -12.35
C GLY A 28 -29.77 -7.82 -11.20
N VAL A 29 -28.48 -7.94 -11.45
CA VAL A 29 -27.52 -8.28 -10.42
C VAL A 29 -27.00 -7.00 -9.78
N THR A 30 -26.81 -7.04 -8.47
CA THR A 30 -26.11 -6.01 -7.71
C THR A 30 -24.87 -6.62 -7.08
N LEU A 31 -23.75 -5.93 -7.19
CA LEU A 31 -22.51 -6.32 -6.52
C LEU A 31 -22.12 -5.20 -5.58
N THR A 32 -21.87 -5.55 -4.32
CA THR A 32 -21.45 -4.56 -3.34
C THR A 32 -19.99 -4.81 -3.00
N LEU A 33 -19.20 -3.76 -3.11
CA LEU A 33 -17.76 -3.87 -3.03
C LEU A 33 -17.28 -2.94 -1.94
N ALA A 34 -16.54 -3.49 -0.99
CA ALA A 34 -15.90 -2.69 0.05
C ALA A 34 -14.47 -2.36 -0.36
N SER A 35 -14.13 -1.07 -0.38
CA SER A 35 -12.86 -0.62 -0.91
C SER A 35 -12.12 0.28 0.06
N GLN A 36 -10.82 0.01 0.21
CA GLN A 36 -9.91 0.95 0.83
C GLN A 36 -9.98 2.31 0.13
N ASN A 37 -9.79 3.38 0.92
CA ASN A 37 -9.88 4.74 0.40
C ASN A 37 -8.56 5.23 -0.19
N ASP A 38 -7.82 4.35 -0.85
CA ASP A 38 -6.73 4.72 -1.73
C ASP A 38 -7.32 5.30 -3.02
N PRO A 39 -6.49 5.85 -3.91
CA PRO A 39 -7.04 6.40 -5.15
C PRO A 39 -7.94 5.44 -5.91
N PHE A 40 -7.74 4.13 -5.80
CA PHE A 40 -8.61 3.26 -6.57
C PHE A 40 -10.06 3.27 -6.08
N GLY A 41 -10.34 3.71 -4.85
CA GLY A 41 -11.73 3.75 -4.41
C GLY A 41 -12.60 4.64 -5.29
N ALA A 42 -12.13 5.85 -5.59
CA ALA A 42 -12.88 6.74 -6.46
C ALA A 42 -12.87 6.26 -7.90
N VAL A 43 -11.79 5.60 -8.33
CA VAL A 43 -11.79 5.14 -9.72
C VAL A 43 -12.75 3.96 -9.89
N LEU A 44 -12.81 3.06 -8.90
CA LEU A 44 -13.78 1.97 -8.97
C LEU A 44 -15.20 2.52 -8.98
N THR A 45 -15.45 3.55 -8.18
CA THR A 45 -16.75 4.21 -8.20
C THR A 45 -17.06 4.75 -9.59
N LYS A 46 -16.07 5.37 -10.22
CA LYS A 46 -16.26 5.92 -11.56
C LYS A 46 -16.50 4.83 -12.59
N LEU A 47 -15.77 3.70 -12.48
CA LEU A 47 -15.90 2.63 -13.48
C LEU A 47 -17.20 1.85 -13.36
N ALA A 48 -17.98 2.07 -12.31
CA ALA A 48 -19.23 1.35 -12.17
C ALA A 48 -20.13 1.56 -13.38
N ALA A 49 -20.15 2.79 -13.91
CA ALA A 49 -20.99 3.08 -15.06
C ALA A 49 -20.61 2.22 -16.26
N GLU A 50 -19.32 2.14 -16.58
CA GLU A 50 -18.91 1.33 -17.72
C GLU A 50 -19.16 -0.15 -17.48
N PHE A 51 -19.05 -0.61 -16.23
CA PHE A 51 -19.33 -2.02 -15.97
C PHE A 51 -20.81 -2.34 -16.16
N LYS A 52 -21.68 -1.42 -15.76
CA LYS A 52 -23.10 -1.61 -16.00
C LYS A 52 -23.40 -1.56 -17.49
N GLN A 53 -22.69 -0.72 -18.24
CA GLN A 53 -22.91 -0.68 -19.67
C GLN A 53 -22.44 -1.96 -20.35
N ASP A 54 -21.40 -2.60 -19.81
CA ASP A 54 -20.85 -3.79 -20.44
C ASP A 54 -21.56 -5.08 -20.03
N THR A 55 -22.08 -5.14 -18.80
CA THR A 55 -22.64 -6.38 -18.28
C THR A 55 -24.04 -6.25 -17.73
N GLY A 56 -24.55 -5.04 -17.53
CA GLY A 56 -25.86 -4.90 -16.93
C GLY A 56 -25.87 -4.97 -15.41
N ALA A 57 -24.72 -5.19 -14.77
CA ALA A 57 -24.68 -5.29 -13.32
C ALA A 57 -24.58 -3.91 -12.67
N ASP A 58 -25.13 -3.83 -11.46
CA ASP A 58 -25.10 -2.63 -10.63
C ASP A 58 -24.02 -2.81 -9.58
N LEU A 59 -22.92 -2.05 -9.72
CA LEU A 59 -21.78 -2.14 -8.82
C LEU A 59 -21.87 -0.99 -7.83
N LYS A 60 -22.02 -1.32 -6.55
CA LYS A 60 -22.10 -0.35 -5.47
C LYS A 60 -20.81 -0.41 -4.68
N VAL A 61 -20.01 0.64 -4.80
CA VAL A 61 -18.71 0.72 -4.14
C VAL A 61 -18.87 1.51 -2.84
N GLU A 62 -18.48 0.90 -1.73
CA GLU A 62 -18.43 1.56 -0.42
C GLU A 62 -16.96 1.75 -0.05
N VAL A 63 -16.50 3.00 -0.05
CA VAL A 63 -15.12 3.34 0.20
C VAL A 63 -14.96 3.69 1.66
N MSE A 64 -13.96 3.11 2.29
CA MSE A 64 -13.74 3.27 3.72
C MSE A 64 -12.29 3.45 4.03
O MSE A 64 -11.47 2.97 3.27
CB MSE A 64 -14.24 2.02 4.46
CG MSE A 64 -15.70 1.90 4.49
SE MSE A 64 -16.25 0.14 5.09
CE MSE A 64 -16.59 -0.60 3.33
H MSE A 64 -13.37 2.61 1.91
HA MSE A 64 -14.25 4.04 4.04
HB2 MSE A 64 -13.88 1.24 4.02
HB3 MSE A 64 -13.92 2.07 5.37
HG2 MSE A 64 -16.07 2.56 5.11
HG3 MSE A 64 -16.05 2.05 3.60
HE1 MSE A 64 -16.88 -1.53 3.43
HE2 MSE A 64 -17.27 -0.08 2.90
HE3 MSE A 64 -15.77 -0.57 2.81
N ASP A 65 -11.95 4.08 5.15
CA ASP A 65 -10.56 4.06 5.58
C ASP A 65 -10.13 2.67 6.05
N TYR A 66 -8.81 2.48 6.10
CA TYR A 66 -8.20 1.16 6.31
C TYR A 66 -8.79 0.45 7.52
N GLY A 67 -8.82 1.11 8.68
CA GLY A 67 -9.32 0.46 9.88
C GLY A 67 -10.79 0.13 9.80
N THR A 68 -11.61 1.07 9.31
CA THR A 68 -13.04 0.83 9.17
C THR A 68 -13.30 -0.30 8.20
N LEU A 69 -12.55 -0.32 7.10
CA LEU A 69 -12.68 -1.38 6.11
C LEU A 69 -12.43 -2.74 6.75
N LEU A 70 -11.34 -2.85 7.50
CA LEU A 70 -10.99 -4.12 8.11
C LEU A 70 -12.03 -4.55 9.13
N THR A 71 -12.48 -3.61 9.97
CA THR A 71 -13.49 -3.92 10.98
C THR A 71 -14.82 -4.34 10.35
N LYS A 72 -15.33 -3.55 9.40
CA LYS A 72 -16.66 -3.81 8.85
C LYS A 72 -16.68 -5.09 8.02
N THR A 73 -15.63 -5.33 7.23
CA THR A 73 -15.64 -6.55 6.41
C THR A 73 -15.39 -7.79 7.26
N THR A 74 -14.49 -7.71 8.26
CA THR A 74 -14.32 -8.85 9.15
C THR A 74 -15.63 -9.18 9.85
N ALA A 75 -16.37 -8.17 10.32
CA ALA A 75 -17.65 -8.45 10.97
C ALA A 75 -18.64 -9.08 9.99
N ASP A 76 -18.63 -8.64 8.73
CA ASP A 76 -19.51 -9.23 7.73
C ASP A 76 -19.16 -10.70 7.51
N PHE A 77 -17.87 -11.00 7.40
CA PHE A 77 -17.45 -12.39 7.25
C PHE A 77 -17.89 -13.20 8.46
N VAL A 78 -17.53 -12.75 9.65
CA VAL A 78 -17.80 -13.53 10.86
C VAL A 78 -19.30 -13.76 11.04
N GLY A 79 -20.12 -12.75 10.74
CA GLY A 79 -21.55 -12.89 10.86
C GLY A 79 -22.25 -13.66 9.74
N LYS A 80 -21.50 -14.00 8.69
CA LYS A 80 -22.04 -14.70 7.52
C LYS A 80 -23.20 -13.93 6.89
N THR A 81 -23.12 -12.60 6.93
CA THR A 81 -24.24 -11.76 6.54
C THR A 81 -24.28 -11.37 5.06
N LYS A 82 -23.21 -11.63 4.30
CA LYS A 82 -23.22 -11.51 2.84
C LYS A 82 -23.43 -10.06 2.39
N GLY A 83 -23.03 -9.11 3.23
CA GLY A 83 -23.21 -7.71 2.88
C GLY A 83 -22.29 -7.23 1.78
N TYR A 84 -21.05 -7.73 1.75
CA TYR A 84 -20.09 -7.41 0.70
C TYR A 84 -19.84 -8.63 -0.15
N ASP A 85 -20.02 -8.49 -1.46
CA ASP A 85 -19.65 -9.55 -2.40
C ASP A 85 -18.15 -9.54 -2.67
N LEU A 86 -17.58 -8.34 -2.76
CA LEU A 86 -16.21 -8.10 -3.16
C LEU A 86 -15.54 -7.24 -2.08
N VAL A 87 -14.31 -7.56 -1.77
CA VAL A 87 -13.55 -6.80 -0.77
C VAL A 87 -12.15 -6.58 -1.28
N THR A 88 -11.66 -5.33 -1.21
CA THR A 88 -10.25 -5.08 -1.46
C THR A 88 -9.44 -5.57 -0.26
N MSE A 89 -8.65 -6.62 -0.48
CA MSE A 89 -7.84 -7.29 0.52
C MSE A 89 -6.39 -6.82 0.47
O MSE A 89 -5.74 -6.96 -0.55
CB MSE A 89 -7.88 -8.82 0.29
CG MSE A 89 -7.09 -9.62 1.33
SE MSE A 89 -6.49 -11.35 0.67
CE MSE A 89 -5.10 -10.65 -0.46
H MSE A 89 -8.55 -6.97 -1.26
HA MSE A 89 -8.20 -7.11 1.40
HB2 MSE A 89 -8.80 -9.10 0.33
HB3 MSE A 89 -7.51 -9.00 -0.58
HG2 MSE A 89 -6.31 -9.11 1.59
HG3 MSE A 89 -7.66 -9.78 2.10
HE1 MSE A 89 -4.65 -11.38 -0.90
HE2 MSE A 89 -5.51 -10.06 -1.13
HE3 MSE A 89 -4.47 -10.15 0.08
N ASP A 90 -5.86 -6.27 1.55
CA ASP A 90 -4.47 -5.84 1.56
C ASP A 90 -3.54 -7.05 1.45
N ILE A 91 -2.43 -6.85 0.74
CA ILE A 91 -1.42 -7.91 0.63
C ILE A 91 -1.11 -8.54 1.98
N VAL A 92 -1.01 -7.73 3.04
CA VAL A 92 -0.59 -8.22 4.35
C VAL A 92 -1.72 -8.93 5.08
N TRP A 93 -2.93 -8.97 4.50
CA TRP A 93 -4.03 -9.76 5.05
C TRP A 93 -4.14 -11.15 4.44
N ALA A 94 -3.27 -11.49 3.49
CA ALA A 94 -3.45 -12.74 2.74
C ALA A 94 -3.45 -13.95 3.66
N GLY A 95 -2.55 -14.00 4.65
CA GLY A 95 -2.50 -15.14 5.55
C GLY A 95 -3.73 -15.22 6.44
N ALA A 96 -4.23 -14.08 6.88
CA ALA A 96 -5.46 -14.08 7.67
C ALA A 96 -6.64 -14.55 6.82
N TYR A 97 -6.74 -14.08 5.60
CA TYR A 97 -7.83 -14.53 4.73
C TYR A 97 -7.74 -16.04 4.49
N GLN A 98 -6.54 -16.57 4.27
CA GLN A 98 -6.42 -17.99 3.98
C GLN A 98 -6.74 -18.82 5.22
N ALA A 99 -6.24 -18.42 6.39
CA ALA A 99 -6.45 -19.19 7.59
C ALA A 99 -7.91 -19.24 7.99
N ASN A 100 -8.66 -18.16 7.74
CA ASN A 100 -10.05 -18.07 8.17
C ASN A 100 -11.04 -18.45 7.08
N GLY A 101 -10.59 -18.64 5.84
CA GLY A 101 -11.49 -19.02 4.78
C GLY A 101 -12.53 -17.96 4.49
N TYR A 102 -12.15 -16.69 4.61
CA TYR A 102 -13.11 -15.61 4.42
C TYR A 102 -13.54 -15.49 2.98
N SER A 103 -12.69 -15.90 2.04
CA SER A 103 -12.86 -15.61 0.63
C SER A 103 -12.93 -16.89 -0.20
N VAL A 104 -13.48 -16.75 -1.39
CA VAL A 104 -13.52 -17.86 -2.34
C VAL A 104 -12.10 -18.23 -2.74
N ASP A 105 -11.81 -19.53 -2.72
CA ASP A 105 -10.52 -20.00 -3.25
C ASP A 105 -10.62 -19.94 -4.78
N LEU A 106 -9.96 -18.95 -5.39
CA LEU A 106 -10.09 -18.71 -6.83
C LEU A 106 -9.19 -19.59 -7.67
N THR A 107 -8.44 -20.51 -7.07
CA THR A 107 -7.45 -21.28 -7.83
C THR A 107 -8.06 -21.94 -9.07
N ASP A 108 -9.21 -22.62 -8.91
CA ASP A 108 -9.80 -23.34 -10.03
C ASP A 108 -10.24 -22.39 -11.14
N TRP A 109 -10.83 -21.25 -10.75
CA TRP A 109 -11.36 -20.31 -11.72
C TRP A 109 -10.25 -19.55 -12.43
N VAL A 110 -9.15 -19.28 -11.73
CA VAL A 110 -7.99 -18.67 -12.39
C VAL A 110 -7.50 -19.61 -13.49
N LYS A 111 -7.37 -20.89 -13.16
CA LYS A 111 -6.86 -21.82 -14.16
C LYS A 111 -7.85 -21.98 -15.30
N ARG A 112 -9.14 -22.09 -14.98
CA ARG A 112 -10.18 -22.28 -15.99
C ARG A 112 -10.24 -21.12 -16.96
N ASP A 113 -10.14 -19.89 -16.44
CA ASP A 113 -10.30 -18.68 -17.23
C ASP A 113 -8.98 -17.96 -17.48
N ALA A 114 -7.86 -18.68 -17.39
CA ALA A 114 -6.55 -18.04 -17.55
C ALA A 114 -6.45 -17.26 -18.86
N ALA A 115 -7.00 -17.79 -19.95
CA ALA A 115 -6.83 -17.12 -21.25
C ALA A 115 -7.47 -15.74 -21.26
N GLU A 116 -8.50 -15.54 -20.44
CA GLU A 116 -9.11 -14.23 -20.28
C GLU A 116 -8.25 -13.27 -19.48
N LEU A 117 -7.36 -13.79 -18.64
CA LEU A 117 -6.66 -12.98 -17.66
C LEU A 117 -5.29 -12.52 -18.11
N ASP A 118 -4.78 -13.07 -19.21
CA ASP A 118 -3.41 -12.80 -19.68
C ASP A 118 -2.42 -12.83 -18.51
N LEU A 119 -2.28 -14.02 -17.94
CA LEU A 119 -1.48 -14.18 -16.72
C LEU A 119 0.00 -13.91 -16.96
N ASP A 120 0.53 -14.29 -18.14
CA ASP A 120 1.93 -14.05 -18.45
C ASP A 120 2.27 -12.56 -18.42
N ASP A 121 1.27 -11.71 -18.60
CA ASP A 121 1.46 -10.26 -18.59
C ASP A 121 1.31 -9.66 -17.19
N ILE A 122 1.11 -10.47 -16.16
CA ILE A 122 1.15 -10.00 -14.78
C ILE A 122 2.42 -10.54 -14.15
N TYR A 123 3.19 -9.65 -13.50
CA TYR A 123 4.45 -10.08 -12.89
C TYR A 123 4.16 -11.22 -11.92
N PRO A 124 4.94 -12.31 -11.96
CA PRO A 124 4.68 -13.42 -11.03
C PRO A 124 4.70 -13.00 -9.56
N VAL A 125 5.56 -12.07 -9.16
CA VAL A 125 5.58 -11.68 -7.75
C VAL A 125 4.24 -11.08 -7.36
N ILE A 126 3.56 -10.41 -8.29
CA ILE A 126 2.26 -9.79 -8.00
C ILE A 126 1.15 -10.86 -7.90
N LEU A 127 1.08 -11.79 -8.85
CA LEU A 127 0.12 -12.87 -8.74
C LEU A 127 0.29 -13.63 -7.43
N GLN A 128 1.54 -13.94 -7.08
CA GLN A 128 1.80 -14.74 -5.91
C GLN A 128 1.55 -13.97 -4.62
N SER A 129 1.98 -12.72 -4.55
CA SER A 129 1.94 -12.01 -3.28
C SER A 129 0.61 -11.33 -3.00
N LEU A 130 -0.04 -10.80 -4.02
N LEU A 130 -0.05 -10.81 -4.02
CA LEU A 130 -1.32 -10.14 -3.86
CA LEU A 130 -1.33 -10.16 -3.86
C LEU A 130 -2.49 -11.11 -4.01
C LEU A 130 -2.49 -11.12 -3.99
N GLY A 131 -2.28 -12.28 -4.61
CA GLY A 131 -3.36 -13.19 -4.86
C GLY A 131 -3.34 -14.43 -4.02
N GLN A 132 -2.16 -14.93 -3.64
CA GLN A 132 -2.05 -16.29 -3.11
C GLN A 132 -1.49 -16.33 -1.69
N TYR A 133 -1.85 -17.40 -0.98
CA TYR A 133 -1.20 -17.76 0.26
C TYR A 133 -1.22 -19.29 0.38
N LYS A 134 -0.07 -19.89 0.69
CA LYS A 134 0.07 -21.34 0.76
C LYS A 134 -0.45 -22.01 -0.52
N GLY A 135 -0.20 -21.38 -1.66
CA GLY A 135 -0.52 -21.96 -2.95
C GLY A 135 -1.96 -21.84 -3.38
N HIS A 136 -2.79 -21.13 -2.64
CA HIS A 136 -4.20 -20.94 -2.97
C HIS A 136 -4.44 -19.48 -3.31
N TYR A 137 -5.22 -19.22 -4.36
CA TYR A 137 -5.65 -17.84 -4.62
C TYR A 137 -6.75 -17.48 -3.64
N VAL A 138 -6.47 -16.57 -2.70
CA VAL A 138 -7.52 -16.01 -1.86
C VAL A 138 -8.09 -14.72 -2.44
N ALA A 139 -7.47 -14.16 -3.46
CA ALA A 139 -7.87 -12.92 -4.06
C ALA A 139 -7.21 -12.89 -5.43
N PHE A 140 -7.55 -11.91 -6.25
CA PHE A 140 -6.83 -11.74 -7.48
C PHE A 140 -6.23 -10.35 -7.51
N PRO A 141 -4.95 -10.19 -7.87
CA PRO A 141 -4.33 -8.86 -7.84
C PRO A 141 -5.08 -7.87 -8.69
N PHE A 142 -5.32 -6.66 -8.16
CA PHE A 142 -5.83 -5.58 -8.98
C PHE A 142 -5.11 -4.25 -8.77
N ALA A 143 -4.30 -4.12 -7.73
CA ALA A 143 -3.58 -2.87 -7.53
C ALA A 143 -2.23 -3.17 -6.91
N ALA A 144 -1.17 -3.00 -7.68
CA ALA A 144 0.18 -3.25 -7.20
C ALA A 144 0.87 -1.91 -7.02
N TYR A 145 1.66 -1.85 -5.96
CA TYR A 145 2.41 -0.66 -5.58
C TYR A 145 3.88 -0.99 -5.43
N ALA A 146 4.73 -0.06 -5.88
CA ALA A 146 6.17 -0.14 -5.67
C ALA A 146 6.56 0.86 -4.59
N ASN A 147 7.48 0.46 -3.72
CA ASN A 147 7.95 1.32 -2.65
C ASN A 147 9.04 2.24 -3.20
N VAL A 148 8.84 3.56 -3.06
CA VAL A 148 9.70 4.53 -3.72
C VAL A 148 10.01 5.68 -2.78
N LEU A 149 11.03 6.45 -3.14
CA LEU A 149 11.24 7.75 -2.54
C LEU A 149 10.70 8.82 -3.49
N ALA A 150 9.83 9.68 -2.96
CA ALA A 150 9.39 10.90 -3.64
C ALA A 150 10.15 12.08 -3.03
N TYR A 151 10.72 12.90 -3.89
CA TYR A 151 11.49 14.04 -3.39
C TYR A 151 11.27 15.25 -4.28
N ARG A 152 11.49 16.42 -3.70
CA ARG A 152 11.31 17.68 -4.40
C ARG A 152 12.60 18.05 -5.13
N LYS A 153 12.63 17.78 -6.44
CA LYS A 153 13.79 18.07 -7.28
C LYS A 153 14.23 19.50 -7.14
N ASP A 154 13.27 20.42 -7.08
CA ASP A 154 13.60 21.84 -7.07
C ASP A 154 14.32 22.22 -5.78
N LEU A 155 13.88 21.65 -4.66
CA LEU A 155 14.47 22.01 -3.38
C LEU A 155 15.87 21.42 -3.23
N PHE A 156 16.05 20.19 -3.72
CA PHE A 156 17.37 19.58 -3.70
C PHE A 156 18.35 20.37 -4.59
N GLN A 157 17.94 20.69 -5.81
CA GLN A 157 18.78 21.46 -6.72
C GLN A 157 19.19 22.79 -6.10
N ALA A 158 18.22 23.52 -5.55
CA ALA A 158 18.53 24.84 -5.02
C ALA A 158 19.54 24.74 -3.89
N ALA A 159 19.50 23.65 -3.14
CA ALA A 159 20.38 23.41 -2.00
C ALA A 159 21.68 22.72 -2.40
N GLY A 160 21.84 22.36 -3.68
CA GLY A 160 23.06 21.72 -4.13
C GLY A 160 23.20 20.28 -3.66
N LEU A 161 22.10 19.66 -3.25
CA LEU A 161 22.15 18.32 -2.71
C LEU A 161 21.85 17.29 -3.78
N PRO A 162 22.63 16.21 -3.84
CA PRO A 162 22.30 15.13 -4.77
C PRO A 162 21.11 14.30 -4.30
N VAL A 163 20.57 13.54 -5.24
CA VAL A 163 19.46 12.63 -4.91
C VAL A 163 19.93 11.67 -3.83
N PRO A 164 19.19 11.50 -2.73
CA PRO A 164 19.66 10.61 -1.67
C PRO A 164 19.65 9.16 -2.14
N THR A 165 20.69 8.42 -1.72
CA THR A 165 20.77 6.99 -1.95
C THR A 165 20.92 6.17 -0.67
N THR A 166 21.16 6.83 0.45
CA THR A 166 21.37 6.18 1.74
C THR A 166 20.38 6.76 2.75
N VAL A 167 20.00 5.93 3.74
CA VAL A 167 19.11 6.45 4.74
C VAL A 167 19.78 7.55 5.55
N GLU A 168 21.11 7.48 5.73
CA GLU A 168 21.80 8.55 6.45
C GLU A 168 21.70 9.87 5.72
N GLU A 169 21.80 9.84 4.39
CA GLU A 169 21.54 11.04 3.59
C GLU A 169 20.14 11.57 3.83
N LEU A 170 19.16 10.67 3.94
CA LEU A 170 17.80 11.10 4.21
C LEU A 170 17.71 11.92 5.49
N VAL A 171 18.29 11.41 6.59
CA VAL A 171 18.29 12.16 7.84
C VAL A 171 19.00 13.48 7.67
N SER A 172 20.21 13.45 7.09
CA SER A 172 20.98 14.68 6.94
C SER A 172 20.25 15.68 6.06
N ASP A 173 19.75 15.21 4.92
CA ASP A 173 19.06 16.12 4.01
C ASP A 173 17.78 16.64 4.62
N ALA A 174 17.07 15.80 5.37
CA ALA A 174 15.82 16.25 5.98
C ALA A 174 16.06 17.41 6.93
N LYS A 175 17.15 17.36 7.69
CA LYS A 175 17.48 18.47 8.57
C LYS A 175 17.90 19.71 7.77
N LYS A 176 18.74 19.52 6.76
CA LYS A 176 19.20 20.63 5.93
C LYS A 176 18.03 21.36 5.28
N LEU A 177 16.99 20.62 4.88
CA LEU A 177 15.87 21.18 4.15
C LEU A 177 14.70 21.56 5.05
N THR A 178 14.88 21.54 6.37
CA THR A 178 13.86 22.02 7.29
C THR A 178 14.20 23.46 7.68
N ASP A 179 13.24 24.34 7.46
CA ASP A 179 13.38 25.76 7.79
C ASP A 179 11.98 26.26 8.09
N PRO A 180 11.53 26.11 9.34
CA PRO A 180 10.16 26.53 9.67
C PRO A 180 9.82 27.94 9.21
N SER A 181 10.84 28.82 9.10
CA SER A 181 10.60 30.21 8.70
C SER A 181 9.88 30.30 7.35
N LYS A 182 10.12 29.35 6.46
CA LYS A 182 9.46 29.29 5.16
C LYS A 182 8.34 28.25 5.13
N LYS A 183 7.92 27.77 6.29
CA LYS A 183 6.91 26.72 6.38
C LYS A 183 7.35 25.50 5.58
N GLN A 184 8.66 25.24 5.61
CA GLN A 184 9.28 24.20 4.79
C GLN A 184 9.80 23.10 5.71
N TYR A 185 9.34 21.86 5.46
CA TYR A 185 9.78 20.71 6.24
C TYR A 185 10.54 19.77 5.33
N GLY A 186 11.58 19.15 5.89
CA GLY A 186 12.40 18.28 5.07
C GLY A 186 11.80 16.92 4.79
N PHE A 187 10.79 16.51 5.57
CA PHE A 187 10.43 15.11 5.64
C PHE A 187 8.99 15.01 6.12
N VAL A 188 8.28 13.96 5.71
CA VAL A 188 6.99 13.67 6.31
C VAL A 188 6.80 12.17 6.32
N ALA A 189 6.02 11.71 7.29
CA ALA A 189 5.66 10.32 7.44
C ALA A 189 4.37 10.27 8.25
N ASN A 190 3.80 9.08 8.36
CA ASN A 190 2.53 8.91 9.09
C ASN A 190 2.71 8.93 10.59
N GLY A 191 1.78 9.56 11.28
CA GLY A 191 1.71 9.51 12.73
C GLY A 191 0.47 8.81 13.27
N GLN A 192 -0.57 8.66 12.44
CA GLN A 192 -1.86 8.17 12.94
C GLN A 192 -1.74 6.80 13.61
N LYS A 193 -2.31 6.69 14.81
CA LYS A 193 -2.26 5.43 15.54
C LYS A 193 -2.80 4.27 14.70
N GLY A 194 -2.12 3.14 14.76
CA GLY A 194 -2.59 1.94 14.08
C GLY A 194 -1.71 1.62 12.89
N PRO A 195 -2.32 1.00 11.88
CA PRO A 195 -1.56 0.60 10.67
C PRO A 195 -0.74 1.69 10.04
N ALA A 196 -1.23 2.94 9.94
CA ALA A 196 -0.50 3.95 9.18
C ALA A 196 0.85 4.24 9.79
N VAL A 197 0.87 4.57 11.09
CA VAL A 197 2.14 4.89 11.73
C VAL A 197 3.04 3.66 11.80
N ALA A 198 2.45 2.47 12.01
CA ALA A 198 3.26 1.27 12.07
C ALA A 198 3.97 1.01 10.74
N GLN A 199 3.22 1.05 9.64
CA GLN A 199 3.76 0.72 8.34
C GLN A 199 4.87 1.65 7.95
N ASP A 200 4.73 2.94 8.23
CA ASP A 200 5.79 3.87 7.82
C ASP A 200 7.06 3.62 8.62
N TRP A 201 6.96 3.31 9.93
CA TRP A 201 8.19 2.96 10.64
C TRP A 201 8.76 1.64 10.12
N MSE A 202 7.90 0.67 9.82
CA MSE A 202 8.37 -0.60 9.30
C MSE A 202 9.14 -0.44 8.00
O MSE A 202 10.16 -1.12 7.81
CB MSE A 202 7.18 -1.54 9.08
CG MSE A 202 6.65 -2.11 10.37
SE MSE A 202 4.91 -2.93 10.08
CE MSE A 202 5.52 -4.25 8.81
H MSE A 202 7.05 0.73 9.90
HA MSE A 202 8.95 -1.01 9.95
HB2 MSE A 202 6.47 -1.05 8.65
HB3 MSE A 202 7.46 -2.29 8.53
HG2 MSE A 202 7.25 -2.78 10.71
HG3 MSE A 202 6.53 -1.39 11.02
HE1 MSE A 202 4.77 -4.80 8.53
HE2 MSE A 202 5.91 -3.79 8.05
HE3 MSE A 202 6.20 -4.81 9.24
N GLN A 203 8.64 0.41 7.10
CA GLN A 203 9.34 0.72 5.86
C GLN A 203 10.74 1.25 6.12
N TYR A 204 10.82 2.25 7.00
CA TYR A 204 12.12 2.80 7.36
C TYR A 204 13.03 1.71 7.93
N ASN A 205 12.49 0.88 8.82
CA ASN A 205 13.28 -0.17 9.43
C ASN A 205 13.74 -1.18 8.37
N ASN A 206 12.85 -1.52 7.42
CA ASN A 206 13.22 -2.44 6.33
C ASN A 206 14.41 -1.91 5.55
N GLN A 207 14.42 -0.60 5.26
CA GLN A 207 15.45 -0.04 4.42
C GLN A 207 16.80 -0.05 5.12
N MSE A 208 16.79 -0.20 6.44
CA MSE A 208 18.02 -0.42 7.18
C MSE A 208 18.33 -1.88 7.45
O MSE A 208 19.18 -2.20 8.27
CB MSE A 208 17.93 0.35 8.47
CG MSE A 208 17.83 1.81 8.17
SE MSE A 208 18.52 2.85 9.60
CE MSE A 208 20.37 2.26 9.54
H MSE A 208 16.08 -0.17 6.93
HA MSE A 208 18.76 -0.03 6.68
HB2 MSE A 208 17.13 0.08 8.95
HB3 MSE A 208 18.72 0.20 9.00
HG2 MSE A 208 18.34 2.02 7.37
HG3 MSE A 208 16.89 2.06 8.03
HE1 MSE A 208 20.87 2.71 10.24
HE2 MSE A 208 20.40 1.29 9.68
HE3 MSE A 208 20.75 2.48 8.67
N GLY A 209 17.65 -2.77 6.74
CA GLY A 209 17.89 -4.19 6.89
C GLY A 209 17.22 -4.80 8.09
N GLY A 210 16.24 -4.12 8.70
CA GLY A 210 15.61 -4.62 9.90
C GLY A 210 14.39 -5.45 9.61
N SER A 211 13.84 -6.03 10.68
CA SER A 211 12.67 -6.86 10.60
C SER A 211 11.90 -6.72 11.90
N ILE A 212 10.65 -7.17 11.89
CA ILE A 212 9.86 -7.24 13.12
C ILE A 212 9.64 -8.67 13.58
N LEU A 213 10.05 -9.65 12.79
CA LEU A 213 10.01 -11.07 13.16
C LEU A 213 11.44 -11.61 13.12
N ASP A 214 11.71 -12.63 13.92
CA ASP A 214 13.01 -13.26 13.90
C ASP A 214 13.05 -14.29 12.77
N ASN A 215 14.13 -15.04 12.67
CA ASN A 215 14.30 -15.94 11.54
C ASN A 215 13.37 -17.15 11.61
N ASP A 216 12.80 -17.44 12.77
CA ASP A 216 11.78 -18.47 12.89
C ASP A 216 10.38 -17.93 12.70
N GLY A 217 10.24 -16.67 12.28
CA GLY A 217 8.94 -16.07 12.09
C GLY A 217 8.24 -15.64 13.36
N LYS A 218 8.93 -15.58 14.48
CA LYS A 218 8.30 -15.19 15.73
C LYS A 218 8.54 -13.72 16.02
N PRO A 219 7.71 -13.09 16.86
CA PRO A 219 7.85 -11.66 17.10
C PRO A 219 9.23 -11.28 17.60
N ALA A 220 9.76 -10.20 17.02
CA ALA A 220 11.00 -9.59 17.46
C ALA A 220 10.85 -8.08 17.43
N LEU A 221 9.74 -7.57 17.96
CA LEU A 221 9.47 -6.14 17.83
C LEU A 221 10.50 -5.30 18.57
N ASN A 222 11.02 -5.79 19.70
CA ASN A 222 11.84 -4.98 20.59
C ASN A 222 13.32 -5.37 20.54
N SER A 223 13.80 -5.86 19.41
CA SER A 223 15.22 -6.12 19.27
C SER A 223 16.00 -4.82 19.47
N PRO A 224 17.25 -4.88 19.97
CA PRO A 224 18.02 -3.64 20.11
C PRO A 224 18.13 -2.84 18.82
N GLU A 225 18.24 -3.53 17.67
CA GLU A 225 18.27 -2.81 16.40
C GLU A 225 17.00 -2.00 16.19
N ASN A 226 15.84 -2.57 16.54
CA ASN A 226 14.58 -1.88 16.33
C ASN A 226 14.40 -0.72 17.29
N VAL A 227 14.90 -0.85 18.52
CA VAL A 227 14.84 0.25 19.47
C VAL A 227 15.71 1.40 18.99
N LYS A 228 16.92 1.11 18.52
CA LYS A 228 17.77 2.14 17.93
C LYS A 228 17.08 2.78 16.73
N SER A 229 16.51 1.95 15.87
CA SER A 229 15.86 2.44 14.67
C SER A 229 14.72 3.41 15.00
N LEU A 230 13.88 3.03 15.95
CA LEU A 230 12.73 3.86 16.33
C LEU A 230 13.19 5.15 17.02
N THR A 231 14.31 5.09 17.74
CA THR A 231 14.88 6.28 18.36
C THR A 231 15.33 7.30 17.32
N VAL A 232 16.04 6.86 16.28
CA VAL A 232 16.47 7.75 15.21
C VAL A 232 15.26 8.27 14.45
N TYR A 233 14.30 7.38 14.17
CA TYR A 233 13.09 7.76 13.45
C TYR A 233 12.31 8.81 14.21
N LYS A 234 12.17 8.65 15.53
CA LYS A 234 11.44 9.65 16.30
C LYS A 234 12.11 11.00 16.20
N GLN A 235 13.42 11.04 16.41
CA GLN A 235 14.15 12.30 16.30
C GLN A 235 13.93 12.93 14.94
N LEU A 236 13.99 12.12 13.88
CA LEU A 236 13.77 12.64 12.53
C LEU A 236 12.37 13.23 12.42
N PHE A 237 11.37 12.49 12.88
CA PHE A 237 9.99 12.94 12.80
C PHE A 237 9.77 14.23 13.57
N VAL A 238 10.26 14.31 14.80
CA VAL A 238 10.04 15.50 15.60
C VAL A 238 10.77 16.69 15.02
N GLU A 239 11.97 16.47 14.48
CA GLU A 239 12.79 17.61 14.05
C GLU A 239 12.43 18.11 12.65
N THR A 240 11.96 17.24 11.76
CA THR A 240 11.88 17.60 10.35
C THR A 240 10.50 17.45 9.72
N ALA A 241 9.51 16.89 10.43
CA ALA A 241 8.20 16.76 9.80
C ALA A 241 7.27 17.91 10.19
N PRO A 242 6.25 18.21 9.38
CA PRO A 242 5.25 19.23 9.79
C PRO A 242 4.64 18.86 11.13
N PRO A 243 4.33 19.82 12.00
CA PRO A 243 3.93 19.43 13.36
C PRO A 243 2.64 18.61 13.41
N GLY A 244 1.67 18.93 12.55
CA GLY A 244 0.45 18.16 12.43
C GLY A 244 0.60 16.77 11.85
N ALA A 245 1.82 16.34 11.51
CA ALA A 245 2.03 15.02 10.94
C ALA A 245 1.71 13.91 11.94
N ILE A 246 1.65 14.21 13.23
CA ILE A 246 1.27 13.19 14.20
C ILE A 246 -0.12 12.64 13.90
N GLU A 247 -0.97 13.39 13.19
CA GLU A 247 -2.29 12.89 12.82
C GLU A 247 -2.37 12.28 11.42
N TYR A 248 -1.31 12.35 10.62
CA TYR A 248 -1.43 11.93 9.23
C TYR A 248 -1.51 10.42 9.09
N ASP A 249 -2.42 9.99 8.25
CA ASP A 249 -2.32 8.72 7.56
C ASP A 249 -1.77 8.92 6.15
N TRP A 250 -1.75 7.83 5.36
CA TRP A 250 -1.12 7.88 4.05
C TRP A 250 -1.68 9.01 3.22
N GLY A 251 -3.00 9.13 3.20
CA GLY A 251 -3.63 10.18 2.41
C GLY A 251 -3.28 11.55 2.94
N GLY A 252 -3.16 11.69 4.25
CA GLY A 252 -2.83 12.98 4.83
C GLY A 252 -1.43 13.43 4.49
N ARG A 253 -0.46 12.50 4.53
CA ARG A 253 0.90 12.91 4.18
C ARG A 253 1.06 13.10 2.69
N GLU A 254 0.34 12.32 1.87
CA GLU A 254 0.36 12.57 0.44
C GLU A 254 -0.15 13.96 0.14
N GLU A 255 -1.22 14.38 0.82
CA GLU A 255 -1.77 15.72 0.61
C GLU A 255 -0.77 16.78 1.02
N SER A 256 -0.12 16.59 2.17
CA SER A 256 0.94 17.49 2.62
C SER A 256 2.00 17.67 1.54
N PHE A 257 2.48 16.55 1.00
CA PHE A 257 3.53 16.55 0.00
C PHE A 257 3.05 17.25 -1.27
N ARG A 258 1.86 16.89 -1.75
CA ARG A 258 1.29 17.54 -2.94
C ARG A 258 1.17 19.04 -2.77
N GLN A 259 0.84 19.49 -1.55
CA GLN A 259 0.68 20.91 -1.26
C GLN A 259 2.00 21.65 -1.26
N GLY A 260 3.12 20.93 -1.23
CA GLY A 260 4.44 21.52 -1.27
C GLY A 260 5.15 21.60 0.07
N ALA A 261 4.62 20.95 1.10
CA ALA A 261 5.09 21.19 2.46
C ALA A 261 6.36 20.43 2.83
N ALA A 262 6.70 19.34 2.14
CA ALA A 262 7.77 18.47 2.59
C ALA A 262 8.68 18.07 1.44
N ALA A 263 9.99 18.01 1.70
CA ALA A 263 10.96 17.82 0.63
C ALA A 263 11.14 16.37 0.20
N MSE A 264 10.79 15.43 1.08
CA MSE A 264 11.05 13.98 0.89
C MSE A 264 10.01 13.17 1.57
O MSE A 264 9.54 13.52 2.65
CB MSE A 264 12.38 13.54 1.52
CG MSE A 264 13.65 13.94 0.87
SE MSE A 264 15.00 13.50 2.23
CE MSE A 264 14.68 14.84 3.47
H MSE A 264 10.38 15.59 1.81
HA MSE A 264 11.07 13.78 -0.07
HB2 MSE A 264 12.40 13.88 2.43
HB3 MSE A 264 12.37 12.57 1.55
HG2 MSE A 264 13.81 13.42 0.07
HG3 MSE A 264 13.66 14.89 0.69
HE1 MSE A 264 15.30 14.74 4.21
HE2 MSE A 264 14.83 15.70 3.04
HE3 MSE A 264 13.77 14.77 3.78
N MSE A 265 9.68 12.03 0.98
CA MSE A 265 8.68 11.14 1.58
C MSE A 265 8.89 9.73 1.01
O MSE A 265 8.88 9.57 -0.21
CB MSE A 265 7.26 11.65 1.29
CG MSE A 265 6.12 10.86 1.92
SE MSE A 265 4.42 11.60 1.47
CE MSE A 265 4.47 11.48 -0.47
H MSE A 265 10.01 11.75 0.24
HA MSE A 265 8.81 11.12 2.55
HB2 MSE A 265 7.19 12.57 1.61
HB3 MSE A 265 7.13 11.64 0.33
HG2 MSE A 265 6.15 9.94 1.58
HG3 MSE A 265 6.22 10.86 2.88
HE1 MSE A 265 3.64 11.84 -0.83
HE2 MSE A 265 5.22 11.99 -0.80
HE3 MSE A 265 4.56 10.55 -0.72
N GLN A 266 9.07 8.71 1.87
CA GLN A 266 9.07 7.31 1.42
C GLN A 266 7.62 6.87 1.32
N THR A 267 7.23 6.34 0.17
CA THR A 267 5.82 6.18 -0.11
C THR A 267 5.61 5.04 -1.09
N TRP A 268 4.36 4.77 -1.38
CA TRP A 268 4.01 3.84 -2.45
C TRP A 268 3.84 4.61 -3.74
N SER A 269 4.16 3.96 -4.87
CA SER A 269 4.04 4.57 -6.19
C SER A 269 2.61 5.06 -6.47
N VAL A 270 1.62 4.57 -5.71
CA VAL A 270 0.24 4.98 -5.87
C VAL A 270 0.07 6.50 -5.72
N GLY A 271 0.95 7.14 -4.96
CA GLY A 271 0.80 8.58 -4.79
C GLY A 271 1.28 9.40 -5.96
N ALA A 272 2.04 8.81 -6.88
CA ALA A 272 2.77 9.65 -7.84
C ALA A 272 1.89 10.25 -8.92
N PRO A 273 0.82 9.59 -9.37
CA PRO A 273 -0.12 10.27 -10.30
C PRO A 273 -0.59 11.62 -9.76
N GLY A 274 -0.82 11.71 -8.45
CA GLY A 274 -1.36 12.93 -7.90
C GLY A 274 -0.40 14.10 -8.02
N TYR A 275 0.90 13.84 -7.98
CA TYR A 275 1.86 14.95 -7.98
C TYR A 275 1.81 15.73 -9.28
N SER A 276 1.41 15.09 -10.40
CA SER A 276 1.44 15.74 -11.69
C SER A 276 0.06 16.18 -12.14
N ASP A 277 -0.91 16.20 -11.21
CA ASP A 277 -2.27 16.64 -11.49
C ASP A 277 -2.43 18.10 -11.10
N PRO A 278 -2.48 19.04 -12.05
CA PRO A 278 -2.55 20.46 -11.66
C PRO A 278 -3.75 20.82 -10.82
N ALA A 279 -4.84 20.04 -10.90
CA ALA A 279 -6.03 20.28 -10.11
C ALA A 279 -5.84 19.88 -8.65
N SER A 280 -4.86 19.04 -8.36
CA SER A 280 -4.70 18.46 -7.03
C SER A 280 -3.34 18.75 -6.42
N SER A 281 -2.46 19.46 -7.13
CA SER A 281 -1.04 19.49 -6.79
C SER A 281 -0.46 20.88 -6.96
N ASN A 282 0.35 21.29 -5.98
CA ASN A 282 1.19 22.47 -6.06
C ASN A 282 2.63 22.12 -6.42
N VAL A 283 2.90 20.87 -6.82
CA VAL A 283 4.27 20.43 -7.08
C VAL A 283 4.40 19.81 -8.47
N VAL A 284 3.49 20.16 -9.39
CA VAL A 284 3.62 19.65 -10.76
C VAL A 284 4.98 20.06 -11.32
N GLY A 285 5.68 19.09 -11.90
CA GLY A 285 6.98 19.31 -12.47
C GLY A 285 8.13 19.34 -11.49
N LYS A 286 7.87 19.13 -10.20
CA LYS A 286 8.85 19.35 -9.14
C LYS A 286 9.25 18.07 -8.42
N VAL A 287 8.62 16.94 -8.72
CA VAL A 287 8.81 15.73 -7.92
C VAL A 287 9.57 14.71 -8.73
N GLY A 288 10.62 14.16 -8.12
CA GLY A 288 11.32 13.01 -8.63
C GLY A 288 10.92 11.76 -7.86
N ILE A 289 11.06 10.61 -8.52
CA ILE A 289 10.74 9.30 -7.96
C ILE A 289 11.96 8.41 -8.16
N THR A 290 12.47 7.85 -7.07
CA THR A 290 13.64 6.97 -7.14
C THR A 290 13.40 5.77 -6.23
N THR A 291 14.36 4.85 -6.22
CA THR A 291 14.27 3.73 -5.30
C THR A 291 14.49 4.22 -3.89
N ALA A 292 13.92 3.49 -2.94
CA ALA A 292 14.05 3.91 -1.58
C ALA A 292 15.53 3.85 -1.19
N PRO A 293 16.03 4.83 -0.45
CA PRO A 293 17.41 4.75 0.03
C PRO A 293 17.57 3.60 1.01
N VAL A 294 18.83 3.18 1.20
CA VAL A 294 19.17 1.99 1.97
C VAL A 294 20.24 2.33 3.00
N GLY A 295 20.24 1.56 4.09
CA GLY A 295 21.30 1.66 5.08
C GLY A 295 22.55 0.95 4.62
N LYS A 296 23.57 1.01 5.48
CA LYS A 296 24.88 0.46 5.11
C LYS A 296 24.82 -1.06 5.00
N GLY A 297 25.38 -1.59 3.92
CA GLY A 297 25.40 -3.02 3.70
C GLY A 297 24.11 -3.60 3.20
N VAL A 298 23.08 -2.77 3.03
CA VAL A 298 21.74 -3.24 2.68
C VAL A 298 21.62 -3.25 1.16
N PRO A 299 21.26 -4.37 0.53
CA PRO A 299 21.10 -4.36 -0.92
C PRO A 299 19.81 -3.65 -1.29
N PRO A 300 19.64 -3.32 -2.57
CA PRO A 300 18.38 -2.72 -2.99
C PRO A 300 17.20 -3.49 -2.43
N GLN A 301 16.35 -2.78 -1.71
CA GLN A 301 15.04 -3.31 -1.34
C GLN A 301 14.07 -2.80 -2.37
N TYR A 302 13.38 -3.72 -3.01
CA TYR A 302 12.42 -3.44 -4.04
C TYR A 302 11.05 -3.82 -3.49
N GLY A 303 10.58 -3.02 -2.54
CA GLY A 303 9.37 -3.39 -1.82
C GLY A 303 8.16 -3.35 -2.71
N VAL A 304 7.34 -4.40 -2.62
CA VAL A 304 6.06 -4.48 -3.31
C VAL A 304 4.94 -4.55 -2.29
N GLY A 305 3.85 -3.87 -2.61
CA GLY A 305 2.65 -3.85 -1.83
C GLY A 305 1.44 -3.77 -2.75
N GLY A 306 0.27 -3.56 -2.17
CA GLY A 306 -0.93 -3.42 -2.96
C GLY A 306 -2.06 -4.30 -2.46
N TRP A 307 -3.07 -4.44 -3.30
CA TRP A 307 -4.35 -5.00 -2.91
C TRP A 307 -4.82 -6.02 -3.93
N GLY A 308 -5.46 -7.06 -3.43
CA GLY A 308 -6.11 -8.03 -4.27
C GLY A 308 -7.60 -7.88 -4.12
N MSE A 309 -8.37 -8.43 -5.05
CA MSE A 309 -9.81 -8.39 -4.97
C MSE A 309 -10.31 -9.77 -4.56
O MSE A 309 -10.01 -10.74 -5.24
CB MSE A 309 -10.42 -7.95 -6.30
CG MSE A 309 -11.87 -7.57 -6.20
SE MSE A 309 -12.16 -5.95 -5.18
CE MSE A 309 -11.41 -4.70 -6.42
H MSE A 309 -8.06 -8.83 -5.76
HA MSE A 309 -10.07 -7.76 -4.29
HB2 MSE A 309 -9.93 -7.19 -6.64
HB3 MSE A 309 -10.35 -8.69 -6.94
HG2 MSE A 309 -12.22 -7.42 -7.09
HG3 MSE A 309 -12.36 -8.29 -5.77
HE1 MSE A 309 -11.48 -3.80 -6.06
HE2 MSE A 309 -10.48 -4.93 -6.58
HE3 MSE A 309 -11.91 -4.75 -7.26
N ALA A 310 -11.02 -9.85 -3.42
CA ALA A 310 -11.49 -11.09 -2.85
C ALA A 310 -13.01 -11.18 -3.02
N ILE A 311 -13.50 -12.39 -3.21
CA ILE A 311 -14.93 -12.68 -3.24
C ILE A 311 -15.29 -13.28 -1.89
N ASN A 312 -16.30 -12.71 -1.25
CA ASN A 312 -16.80 -13.23 0.04
C ASN A 312 -17.32 -14.66 -0.12
N ALA A 313 -16.73 -15.59 0.65
CA ALA A 313 -17.09 -17.00 0.54
C ALA A 313 -18.54 -17.29 0.89
N ASP A 314 -19.21 -16.39 1.62
CA ASP A 314 -20.55 -16.66 2.12
C ASP A 314 -21.66 -16.40 1.11
N ILE A 315 -21.40 -15.69 0.01
CA ILE A 315 -22.46 -15.18 -0.85
C ILE A 315 -22.99 -16.27 -1.77
N ASP A 316 -24.14 -16.02 -2.38
CA ASP A 316 -24.81 -16.98 -3.23
C ASP A 316 -23.95 -17.33 -4.45
N PRO A 317 -24.08 -18.55 -4.97
CA PRO A 317 -23.30 -18.92 -6.17
C PRO A 317 -23.39 -17.92 -7.32
N LYS A 318 -24.58 -17.39 -7.61
CA LYS A 318 -24.70 -16.43 -8.70
C LYS A 318 -23.98 -15.12 -8.37
N GLN A 319 -23.93 -14.73 -7.09
CA GLN A 319 -23.15 -13.57 -6.69
C GLN A 319 -21.65 -13.83 -6.85
N LYS A 320 -21.21 -15.06 -6.56
CA LYS A 320 -19.81 -15.41 -6.76
C LYS A 320 -19.44 -15.34 -8.24
N GLU A 321 -20.30 -15.90 -9.10
CA GLU A 321 -20.05 -15.86 -10.54
C GLU A 321 -19.99 -14.43 -11.05
N ALA A 322 -20.95 -13.59 -10.64
CA ALA A 322 -20.93 -12.20 -11.09
C ALA A 322 -19.70 -11.48 -10.58
N ALA A 323 -19.33 -11.71 -9.32
CA ALA A 323 -18.15 -11.05 -8.76
C ALA A 323 -16.89 -11.44 -9.52
N TRP A 324 -16.78 -12.70 -9.92
CA TRP A 324 -15.61 -13.12 -10.67
C TRP A 324 -15.63 -12.51 -12.06
N THR A 325 -16.80 -12.38 -12.67
CA THR A 325 -16.92 -11.65 -13.95
C THR A 325 -16.43 -10.22 -13.80
N PHE A 326 -16.79 -9.54 -12.70
CA PHE A 326 -16.27 -8.20 -12.45
C PHE A 326 -14.75 -8.19 -12.34
N ILE A 327 -14.20 -9.12 -11.57
CA ILE A 327 -12.75 -9.15 -11.38
C ILE A 327 -12.04 -9.28 -12.74
N LYS A 328 -12.49 -10.24 -13.56
CA LYS A 328 -11.90 -10.43 -14.89
C LYS A 328 -12.02 -9.18 -15.73
N TRP A 329 -13.17 -8.50 -15.67
CA TRP A 329 -13.34 -7.26 -16.38
C TRP A 329 -12.33 -6.21 -15.93
N LEU A 330 -12.15 -6.06 -14.61
CA LEU A 330 -11.31 -4.99 -14.07
C LEU A 330 -9.85 -5.16 -14.45
N VAL A 331 -9.34 -6.40 -14.41
CA VAL A 331 -7.92 -6.65 -14.65
C VAL A 331 -7.59 -6.85 -16.13
N SER A 332 -8.59 -6.91 -17.00
CA SER A 332 -8.31 -7.00 -18.43
C SER A 332 -7.41 -5.83 -18.83
N LYS A 333 -6.59 -6.05 -19.87
CA LYS A 333 -5.64 -5.01 -20.27
C LYS A 333 -6.36 -3.71 -20.57
N LYS A 334 -7.49 -3.80 -21.27
CA LYS A 334 -8.21 -2.60 -21.66
C LYS A 334 -8.67 -1.81 -20.44
N ILE A 335 -9.44 -2.45 -19.56
CA ILE A 335 -10.02 -1.74 -18.41
C ILE A 335 -8.95 -1.34 -17.42
N HIS A 336 -7.95 -2.21 -17.21
CA HIS A 336 -6.94 -1.88 -16.23
C HIS A 336 -6.08 -0.71 -16.71
N LYS A 337 -5.93 -0.56 -18.02
CA LYS A 337 -5.25 0.61 -18.55
C LYS A 337 -6.07 1.88 -18.25
N GLU A 338 -7.37 1.82 -18.48
CA GLU A 338 -8.28 2.93 -18.17
C GLU A 338 -8.24 3.30 -16.70
N PHE A 339 -8.39 2.28 -15.85
CA PHE A 339 -8.20 2.38 -14.41
C PHE A 339 -6.98 3.21 -14.04
N ASN A 340 -5.84 2.88 -14.64
CA ASN A 340 -4.62 3.62 -14.32
C ASN A 340 -4.54 4.97 -15.02
N MSE A 341 -5.05 5.13 -16.24
CA MSE A 341 -5.11 6.46 -16.80
C MSE A 341 -6.00 7.41 -15.97
O MSE A 341 -5.78 8.61 -15.94
CB MSE A 341 -5.58 6.39 -18.24
CG MSE A 341 -4.62 5.65 -19.18
SE MSE A 341 -2.97 6.70 -19.58
CE MSE A 341 -3.71 8.23 -20.55
H MSE A 341 -5.34 4.50 -16.75
HA MSE A 341 -4.21 6.83 -16.81
HB2 MSE A 341 -6.43 5.93 -18.26
HB3 MSE A 341 -5.69 7.30 -18.57
HG2 MSE A 341 -4.34 4.82 -18.76
HG3 MSE A 341 -5.06 5.47 -20.02
HE1 MSE A 341 -2.98 8.82 -20.80
HE2 MSE A 341 -4.16 7.90 -21.35
HE3 MSE A 341 -4.33 8.70 -19.98
N ASP A 342 -7.00 6.85 -15.29
CA ASP A 342 -7.87 7.63 -14.43
C ASP A 342 -7.24 7.96 -13.07
N GLY A 343 -6.02 7.53 -12.81
CA GLY A 343 -5.34 7.87 -11.59
C GLY A 343 -5.30 6.80 -10.53
N ALA A 344 -5.60 5.55 -10.85
CA ALA A 344 -5.59 4.54 -9.81
C ALA A 344 -4.22 4.30 -9.20
N GLY A 345 -3.14 4.60 -9.92
CA GLY A 345 -1.80 4.39 -9.39
C GLY A 345 -1.53 2.94 -9.04
N SER A 346 -2.06 2.01 -9.83
CA SER A 346 -2.19 0.61 -9.44
C SER A 346 -1.56 -0.33 -10.46
N PHE A 347 -0.62 0.19 -11.27
CA PHE A 347 0.04 -0.56 -12.34
C PHE A 347 0.53 -1.92 -11.89
N MSE A 348 0.22 -2.96 -12.68
CA MSE A 348 0.63 -4.29 -12.32
C MSE A 348 1.01 -5.17 -13.51
O MSE A 348 1.50 -6.28 -13.31
CB MSE A 348 -0.48 -4.99 -11.54
CG MSE A 348 -1.66 -5.44 -12.39
SE MSE A 348 -2.91 -6.39 -11.29
CE MSE A 348 -4.11 -6.91 -12.70
H MSE A 348 -0.22 -2.90 -13.41
HA MSE A 348 1.41 -4.23 -11.74
HB2 MSE A 348 -0.10 -5.78 -11.12
HB3 MSE A 348 -0.81 -4.38 -10.87
HG2 MSE A 348 -2.11 -4.65 -12.76
HG3 MSE A 348 -1.36 -6.02 -13.10
HE1 MSE A 348 -4.84 -7.42 -12.31
HE2 MSE A 348 -4.47 -6.11 -13.13
HE3 MSE A 348 -3.64 -7.45 -13.34
N ARG A 349 0.85 -4.66 -14.74
CA ARG A 349 1.07 -5.48 -15.93
C ARG A 349 2.36 -5.10 -16.60
N LYS A 350 3.08 -6.11 -17.11
CA LYS A 350 4.29 -5.83 -17.88
C LYS A 350 3.98 -4.92 -19.06
N SER A 351 2.87 -5.18 -19.74
CA SER A 351 2.51 -4.38 -20.91
C SER A 351 2.33 -2.92 -20.56
N GLN A 352 1.97 -2.62 -19.30
CA GLN A 352 1.75 -1.22 -18.93
C GLN A 352 3.05 -0.42 -18.88
N MSE A 353 4.18 -1.07 -18.66
CA MSE A 353 5.44 -0.39 -18.41
C MSE A 353 6.05 0.19 -19.69
O MSE A 353 6.84 1.11 -19.63
CB MSE A 353 6.43 -1.36 -17.75
CG MSE A 353 5.90 -2.05 -16.48
SE MSE A 353 5.50 -0.71 -15.10
CE MSE A 353 3.64 -0.56 -15.47
H MSE A 353 4.25 -1.94 -18.65
HA MSE A 353 5.28 0.33 -17.78
HB2 MSE A 353 6.65 -2.06 -18.40
HB3 MSE A 353 7.23 -0.87 -17.51
HG2 MSE A 353 5.09 -2.53 -16.69
HG3 MSE A 353 6.58 -2.65 -16.13
HE1 MSE A 353 3.24 0.09 -14.86
HE2 MSE A 353 3.51 -0.26 -16.39
HE3 MSE A 353 3.22 -1.42 -15.34
N THR A 354 5.64 -0.37 -20.83
CA THR A 354 6.09 0.07 -22.16
C THR A 354 4.95 0.67 -22.96
N ASP A 355 3.78 0.84 -22.36
CA ASP A 355 2.61 1.36 -23.07
C ASP A 355 2.80 2.85 -23.35
N PRO A 356 2.67 3.29 -24.60
CA PRO A 356 3.01 4.69 -24.92
C PRO A 356 2.19 5.71 -24.15
N ASP A 357 0.90 5.46 -23.97
CA ASP A 357 0.08 6.42 -23.23
C ASP A 357 0.43 6.44 -21.75
N LEU A 358 0.59 5.26 -21.14
CA LEU A 358 0.86 5.25 -19.71
C LEU A 358 2.23 5.85 -19.41
N THR A 359 3.23 5.61 -20.26
CA THR A 359 4.56 6.12 -19.98
C THR A 359 4.63 7.63 -20.19
N ALA A 360 3.88 8.16 -21.15
CA ALA A 360 3.79 9.60 -21.32
C ALA A 360 3.17 10.26 -20.10
N LYS A 361 2.06 9.71 -19.60
CA LYS A 361 1.37 10.33 -18.47
C LYS A 361 2.12 10.15 -17.17
N PHE A 362 2.90 9.06 -17.03
CA PHE A 362 3.46 8.65 -15.74
C PHE A 362 4.93 8.33 -15.93
N ASP A 363 5.77 9.35 -15.86
CA ASP A 363 7.16 9.17 -16.27
C ASP A 363 8.02 8.43 -15.23
N PHE A 364 7.43 7.89 -14.17
CA PHE A 364 8.14 7.17 -13.13
C PHE A 364 8.03 5.67 -13.30
N LEU A 365 7.40 5.22 -14.38
CA LEU A 365 7.18 3.79 -14.53
C LEU A 365 8.46 2.99 -14.65
N PRO A 366 9.57 3.52 -15.17
CA PRO A 366 10.80 2.73 -15.13
C PRO A 366 11.21 2.29 -13.73
N VAL A 367 11.00 3.14 -12.72
CA VAL A 367 11.29 2.74 -11.35
C VAL A 367 10.32 1.67 -10.89
N VAL A 368 9.04 1.80 -11.25
CA VAL A 368 8.04 0.79 -10.89
C VAL A 368 8.39 -0.54 -11.54
N ALA A 369 8.73 -0.50 -12.82
CA ALA A 369 9.04 -1.73 -13.53
C ALA A 369 10.25 -2.43 -12.92
N LYS A 370 11.31 -1.66 -12.67
CA LYS A 370 12.51 -2.25 -12.06
C LYS A 370 12.16 -2.87 -10.71
N THR A 371 11.28 -2.23 -9.94
CA THR A 371 10.86 -2.80 -8.65
C THR A 371 10.16 -4.13 -8.84
N TYR A 372 9.17 -4.20 -9.74
CA TYR A 372 8.43 -5.45 -9.93
C TYR A 372 9.32 -6.55 -10.50
N GLU A 373 10.24 -6.20 -11.40
CA GLU A 373 11.16 -7.18 -11.97
C GLU A 373 12.06 -7.79 -10.91
N ASN A 374 12.28 -7.08 -9.81
CA ASN A 374 13.10 -7.55 -8.70
C ASN A 374 12.28 -7.56 -7.41
N GLY A 375 10.97 -7.72 -7.54
CA GLY A 375 10.07 -7.36 -6.44
C GLY A 375 10.20 -8.27 -5.23
N ASN A 376 10.11 -7.66 -4.06
CA ASN A 376 10.02 -8.37 -2.79
C ASN A 376 8.57 -8.32 -2.30
N GLY A 377 7.81 -9.37 -2.63
CA GLY A 377 6.44 -9.47 -2.17
C GLY A 377 6.29 -9.80 -0.70
N GLU A 378 7.39 -10.11 -0.02
CA GLU A 378 7.43 -10.28 1.43
C GLU A 378 8.05 -9.08 2.11
N TYR A 379 7.91 -7.90 1.51
CA TYR A 379 8.46 -6.68 2.10
C TYR A 379 7.89 -6.46 3.50
N ARG A 380 6.65 -6.84 3.72
CA ARG A 380 6.03 -6.79 5.02
C ARG A 380 5.37 -8.15 5.26
N PRO A 381 5.24 -8.55 6.50
CA PRO A 381 4.70 -9.89 6.75
C PRO A 381 3.26 -10.03 6.28
N ARG A 382 2.92 -11.25 5.83
CA ARG A 382 1.57 -11.59 5.39
C ARG A 382 0.97 -12.71 6.23
N ILE A 383 1.63 -13.10 7.32
CA ILE A 383 1.19 -14.21 8.16
C ILE A 383 -0.17 -13.89 8.79
N PRO A 384 -0.92 -14.90 9.24
CA PRO A 384 -2.25 -14.63 9.82
C PRO A 384 -2.24 -13.72 11.03
N GLU A 385 -1.16 -13.69 11.82
CA GLU A 385 -1.04 -12.86 13.00
C GLU A 385 -0.70 -11.42 12.67
N TYR A 386 -0.35 -11.14 11.42
CA TYR A 386 0.19 -9.80 11.15
C TYR A 386 -0.82 -8.69 11.37
N PRO A 387 -2.08 -8.77 10.97
CA PRO A 387 -2.96 -7.63 11.18
C PRO A 387 -3.02 -7.23 12.65
N GLU A 388 -3.05 -8.22 13.56
CA GLU A 388 -3.01 -7.93 14.99
C GLU A 388 -1.67 -7.32 15.41
N ILE A 389 -0.55 -7.88 14.93
CA ILE A 389 0.76 -7.27 15.20
C ILE A 389 0.77 -5.82 14.75
N GLN A 390 0.24 -5.55 13.56
CA GLN A 390 0.24 -4.21 12.98
C GLN A 390 -0.44 -3.21 13.90
N ASP A 391 -1.60 -3.58 14.45
CA ASP A 391 -2.31 -2.70 15.38
C ASP A 391 -1.50 -2.46 16.65
N ILE A 392 -0.90 -3.53 17.19
CA ILE A 392 -0.07 -3.43 18.39
C ILE A 392 1.11 -2.50 18.16
N LEU A 393 1.85 -2.75 17.07
CA LEU A 393 3.00 -1.90 16.75
C LEU A 393 2.56 -0.47 16.49
N GLY A 394 1.40 -0.27 15.88
CA GLY A 394 0.89 1.05 15.63
C GLY A 394 0.62 1.84 16.89
N SER A 395 0.03 1.21 17.90
CA SER A 395 -0.12 1.87 19.18
C SER A 395 1.24 2.28 19.76
N ALA A 396 2.22 1.37 19.70
CA ALA A 396 3.54 1.65 20.25
C ALA A 396 4.21 2.83 19.54
N VAL A 397 4.26 2.80 18.20
CA VAL A 397 5.00 3.83 17.49
C VAL A 397 4.33 5.19 17.66
N ASN A 398 3.00 5.24 17.62
CA ASN A 398 2.30 6.50 17.82
C ASN A 398 2.58 7.05 19.22
N SER A 399 2.61 6.18 20.23
CA SER A 399 2.87 6.71 21.57
C SER A 399 4.29 7.27 21.68
N VAL A 400 5.24 6.73 20.91
CA VAL A 400 6.61 7.25 20.92
C VAL A 400 6.68 8.58 20.19
N LEU A 401 6.08 8.66 18.98
CA LEU A 401 6.14 9.90 18.23
C LEU A 401 5.38 11.02 18.93
N ALA A 402 4.34 10.68 19.71
CA ALA A 402 3.60 11.67 20.47
C ALA A 402 4.26 12.05 21.79
N GLY A 403 5.39 11.43 22.14
CA GLY A 403 6.08 11.84 23.34
C GLY A 403 5.54 11.27 24.62
N ALA A 404 4.70 10.23 24.52
CA ALA A 404 4.04 9.63 25.68
C ALA A 404 4.80 8.44 26.25
N ALA A 405 5.65 7.80 25.45
CA ALA A 405 6.40 6.63 25.86
C ALA A 405 7.75 6.64 25.17
N GLU A 406 8.74 6.04 25.82
CA GLU A 406 10.06 5.98 25.21
C GLU A 406 10.18 4.73 24.35
N PRO A 407 11.05 4.77 23.34
CA PRO A 407 11.14 3.62 22.40
C PRO A 407 11.30 2.27 23.08
N GLN A 408 12.20 2.16 24.04
CA GLN A 408 12.47 0.85 24.64
C GLN A 408 11.24 0.31 25.35
N ALA A 409 10.64 1.11 26.24
CA ALA A 409 9.46 0.64 26.96
C ALA A 409 8.31 0.33 26.00
N ALA A 410 8.11 1.17 25.00
CA ALA A 410 6.99 1.00 24.08
C ALA A 410 7.14 -0.29 23.27
N LEU A 411 8.34 -0.56 22.74
CA LEU A 411 8.51 -1.79 21.96
C LEU A 411 8.53 -3.01 22.87
N ASP A 412 9.01 -2.87 24.12
CA ASP A 412 8.94 -3.97 25.09
C ASP A 412 7.50 -4.35 25.33
N GLU A 413 6.64 -3.36 25.50
CA GLU A 413 5.22 -3.58 25.73
C GLU A 413 4.58 -4.23 24.51
N ALA A 414 4.92 -3.73 23.33
CA ALA A 414 4.39 -4.29 22.09
C ALA A 414 4.78 -5.74 21.93
N GLN A 415 6.04 -6.05 22.26
CA GLN A 415 6.52 -7.43 22.12
C GLN A 415 5.71 -8.35 23.01
N VAL A 416 5.44 -7.90 24.25
CA VAL A 416 4.64 -8.72 25.16
C VAL A 416 3.30 -9.05 24.54
N GLU A 417 2.62 -8.05 23.99
CA GLU A 417 1.30 -8.28 23.40
C GLU A 417 1.41 -9.15 22.15
N ALA A 418 2.42 -8.93 21.33
CA ALA A 418 2.56 -9.73 20.12
C ALA A 418 2.82 -11.19 20.43
N LYS A 419 3.58 -11.47 21.49
CA LYS A 419 3.91 -12.86 21.80
C LYS A 419 2.67 -13.64 22.20
N LYS A 420 1.64 -12.96 22.70
CA LYS A 420 0.40 -13.65 23.08
C LYS A 420 -0.25 -14.33 21.87
N LEU A 421 0.01 -13.82 20.66
CA LEU A 421 -0.54 -14.37 19.44
C LEU A 421 0.15 -15.66 19.00
N PHE A 422 1.24 -16.05 19.64
CA PHE A 422 2.03 -17.20 19.21
C PHE A 422 2.13 -18.25 20.31
C1 RB0 B . -1.85 2.83 1.95
O1 RB0 B . -2.15 3.76 0.90
C2 RB0 B . -1.65 1.44 1.35
O2 RB0 B . -2.89 0.97 0.85
C3 RB0 B . -1.16 0.53 2.46
O3 RB0 B . 0.19 0.84 2.81
C4 RB0 B . -1.25 -0.96 2.08
O4 RB0 B . -0.75 -1.75 3.21
C5 RB0 B . -0.40 -1.26 0.83
O5 RB0 B . -0.31 -2.69 0.63
C1 GOL C . -14.17 -21.70 -2.25
O1 GOL C . -13.36 -21.67 -1.10
C2 GOL C . -15.54 -21.07 -1.98
O2 GOL C . -15.79 -20.91 -0.60
C3 GOL C . -16.64 -21.85 -2.65
O3 GOL C . -17.24 -20.99 -3.60
#